data_6ZJ0
#
_entry.id   6ZJ0
#
_cell.length_a   93.075
_cell.length_b   93.075
_cell.length_c   55.256
_cell.angle_alpha   90.00
_cell.angle_beta   90.00
_cell.angle_gamma   120.00
#
_symmetry.space_group_name_H-M   'P 3 2 1'
#
loop_
_entity.id
_entity.type
_entity.pdbx_description
1 polymer 'GTPase HRas'
2 non-polymer 'MAGNESIUM ION'
3 non-polymer 'PHOSPHOMETHYLPHOSPHONIC ACID GUANYLATE ESTER'
4 non-polymer (3~{S})-3-[2-[(dimethylamino)methyl]-1~{H}-indol-3-yl]-5-oxidanyl-2,3-dihydroisoindol-1-one
5 water water
#
_entity_poly.entity_id   1
_entity_poly.type   'polypeptide(L)'
_entity_poly.pdbx_seq_one_letter_code
;GMTEYKLVVVGADGVGKSALTIQLIQNHFVDEYDPTIEDSYRKQVVIDGETCLLDILDTAGQEEYSAMRDQYMRTGEGFL
CVFAINNTKSFEDIHQYREQIKRVKDSDDVPMVLVGNKCDLAARTVESRQAQDLARSYGIPYIETSAKTRQGVEDAFYTL
VREIRQH
;
_entity_poly.pdbx_strand_id   A
#
loop_
_chem_comp.id
_chem_comp.type
_chem_comp.name
_chem_comp.formula
EZZ non-polymer (3~{S})-3-[2-[(dimethylamino)methyl]-1~{H}-indol-3-yl]-5-oxidanyl-2,3-dihydroisoindol-1-one 'C19 H19 N3 O2'
GCP non-polymer 'PHOSPHOMETHYLPHOSPHONIC ACID GUANYLATE ESTER' 'C11 H18 N5 O13 P3'
MG non-polymer 'MAGNESIUM ION' 'Mg 2'
#
# COMPACT_ATOMS: atom_id res chain seq x y z
N MET A 2 -19.01 0.43 14.55
CA MET A 2 -17.90 -0.34 14.00
C MET A 2 -16.64 0.50 13.92
N THR A 3 -15.48 -0.19 13.94
CA THR A 3 -14.18 0.48 13.88
C THR A 3 -13.88 0.95 12.47
N GLU A 4 -13.35 2.16 12.36
CA GLU A 4 -12.98 2.74 11.09
C GLU A 4 -11.47 2.75 10.98
N TYR A 5 -10.94 2.44 9.80
CA TYR A 5 -9.50 2.45 9.54
C TYR A 5 -9.20 3.41 8.40
N LYS A 6 -8.27 4.34 8.60
CA LYS A 6 -7.86 5.28 7.56
C LYS A 6 -6.59 4.70 6.95
N LEU A 7 -6.67 4.10 5.75
CA LEU A 7 -5.53 3.50 5.06
C LEU A 7 -5.04 4.43 3.98
N VAL A 8 -3.72 4.54 3.78
CA VAL A 8 -3.16 5.36 2.70
C VAL A 8 -2.35 4.44 1.80
N VAL A 9 -2.62 4.48 0.50
CA VAL A 9 -1.82 3.72 -0.48
C VAL A 9 -0.80 4.68 -1.06
N VAL A 10 0.51 4.48 -0.78
CA VAL A 10 1.59 5.36 -1.28
C VAL A 10 2.56 4.59 -2.19
N GLY A 11 3.30 5.31 -3.03
CA GLY A 11 4.22 4.70 -3.96
C GLY A 11 4.45 5.53 -5.19
N ALA A 12 5.51 5.20 -5.92
CA ALA A 12 5.94 5.90 -7.11
C ALA A 12 4.92 5.80 -8.28
N ASP A 13 5.10 6.63 -9.32
CA ASP A 13 4.25 6.62 -10.50
C ASP A 13 4.15 5.27 -11.14
N GLY A 14 2.94 4.87 -11.46
CA GLY A 14 2.67 3.66 -12.22
C GLY A 14 2.89 2.32 -11.56
N VAL A 15 3.09 2.28 -10.23
CA VAL A 15 3.30 1.00 -9.52
C VAL A 15 2.03 0.15 -9.42
N GLY A 16 0.85 0.78 -9.53
CA GLY A 16 -0.44 0.10 -9.44
C GLY A 16 -1.23 0.41 -8.18
N LYS A 17 -1.04 1.60 -7.60
CA LYS A 17 -1.77 2.00 -6.39
C LYS A 17 -3.28 2.05 -6.67
N SER A 18 -3.67 2.63 -7.83
CA SER A 18 -5.08 2.73 -8.19
C SER A 18 -5.64 1.37 -8.55
N ALA A 19 -4.90 0.57 -9.34
CA ALA A 19 -5.36 -0.76 -9.73
C ALA A 19 -5.57 -1.66 -8.51
N LEU A 20 -4.68 -1.56 -7.50
CA LEU A 20 -4.84 -2.34 -6.26
C LEU A 20 -6.11 -1.92 -5.51
N THR A 21 -6.30 -0.61 -5.32
CA THR A 21 -7.46 -0.07 -4.61
C THR A 21 -8.77 -0.42 -5.35
N ILE A 22 -8.82 -0.21 -6.66
CA ILE A 22 -10.03 -0.52 -7.45
C ILE A 22 -10.32 -2.02 -7.42
N GLN A 23 -9.27 -2.86 -7.39
CA GLN A 23 -9.46 -4.30 -7.32
C GLN A 23 -10.11 -4.68 -5.97
N LEU A 24 -9.66 -4.08 -4.85
CA LEU A 24 -10.26 -4.38 -3.54
C LEU A 24 -11.71 -3.86 -3.45
N ILE A 25 -11.97 -2.67 -3.97
CA ILE A 25 -13.29 -2.04 -3.89
C ILE A 25 -14.33 -2.57 -4.89
N GLN A 26 -13.94 -2.73 -6.15
CA GLN A 26 -14.87 -3.06 -7.23
C GLN A 26 -14.64 -4.42 -7.91
N ASN A 27 -13.63 -5.21 -7.47
CA ASN A 27 -13.36 -6.54 -8.03
C ASN A 27 -13.16 -6.55 -9.57
N HIS A 28 -12.36 -5.63 -10.09
CA HIS A 28 -12.01 -5.63 -11.50
C HIS A 28 -10.66 -4.92 -11.73
N PHE A 29 -9.99 -5.26 -12.83
CA PHE A 29 -8.68 -4.71 -13.15
C PHE A 29 -8.75 -3.60 -14.19
N VAL A 30 -8.24 -2.41 -13.85
CA VAL A 30 -8.16 -1.28 -14.78
C VAL A 30 -6.91 -1.49 -15.68
N ASP A 31 -7.12 -1.84 -16.96
CA ASP A 31 -6.04 -2.09 -17.91
C ASP A 31 -5.37 -0.81 -18.38
N GLU A 32 -6.16 0.27 -18.56
CA GLU A 32 -5.60 1.57 -18.98
C GLU A 32 -4.84 2.25 -17.82
N TYR A 33 -3.97 3.22 -18.18
CA TYR A 33 -3.19 4.02 -17.23
C TYR A 33 -3.81 5.43 -17.20
N ASP A 34 -4.62 5.71 -16.16
CA ASP A 34 -5.25 7.01 -15.93
C ASP A 34 -4.53 7.61 -14.72
N PRO A 35 -3.53 8.52 -14.92
CA PRO A 35 -2.78 9.05 -13.76
C PRO A 35 -3.68 9.71 -12.72
N THR A 36 -3.50 9.32 -11.46
CA THR A 36 -4.35 9.77 -10.36
C THR A 36 -3.98 11.14 -9.81
N ILE A 37 -4.99 11.96 -9.50
CA ILE A 37 -4.80 13.21 -8.77
C ILE A 37 -4.94 12.73 -7.32
N GLU A 38 -6.13 12.21 -6.97
CA GLU A 38 -6.39 11.61 -5.67
C GLU A 38 -7.85 11.22 -5.57
N ASP A 39 -8.09 10.01 -5.13
CA ASP A 39 -9.44 9.47 -4.94
C ASP A 39 -9.49 8.75 -3.60
N SER A 40 -10.66 8.71 -2.97
CA SER A 40 -10.84 8.03 -1.70
C SER A 40 -12.04 7.11 -1.81
N TYR A 41 -11.91 5.91 -1.27
CA TYR A 41 -12.93 4.88 -1.36
C TYR A 41 -13.27 4.34 0.01
N ARG A 42 -14.52 3.96 0.21
CA ARG A 42 -14.96 3.35 1.46
C ARG A 42 -15.52 1.97 1.16
N LYS A 43 -15.25 1.02 2.07
CA LYS A 43 -15.75 -0.33 1.94
C LYS A 43 -15.98 -0.90 3.33
N GLN A 44 -17.15 -1.49 3.53
CA GLN A 44 -17.49 -2.14 4.78
C GLN A 44 -17.14 -3.61 4.57
N VAL A 45 -16.30 -4.18 5.45
CA VAL A 45 -15.84 -5.57 5.35
C VAL A 45 -15.76 -6.22 6.72
N VAL A 46 -15.89 -7.54 6.78
CA VAL A 46 -15.73 -8.27 8.03
C VAL A 46 -14.29 -8.78 8.04
N ILE A 47 -13.50 -8.43 9.07
CA ILE A 47 -12.09 -8.88 9.21
C ILE A 47 -12.00 -9.48 10.60
N ASP A 48 -11.69 -10.79 10.69
CA ASP A 48 -11.65 -11.48 11.98
C ASP A 48 -12.91 -11.31 12.79
N GLY A 49 -14.05 -11.58 12.16
CA GLY A 49 -15.34 -11.55 12.80
C GLY A 49 -15.87 -10.18 13.21
N GLU A 50 -15.18 -9.10 12.87
CA GLU A 50 -15.63 -7.75 13.22
C GLU A 50 -15.86 -6.95 11.96
N THR A 51 -16.98 -6.22 11.93
CA THR A 51 -17.31 -5.36 10.80
C THR A 51 -16.42 -4.13 10.93
N CYS A 52 -15.68 -3.81 9.87
CA CYS A 52 -14.75 -2.69 9.73
C CYS A 52 -15.22 -1.78 8.63
N LEU A 53 -14.93 -0.49 8.76
CA LEU A 53 -15.20 0.47 7.70
C LEU A 53 -13.82 0.94 7.28
N LEU A 54 -13.41 0.66 6.04
CA LEU A 54 -12.13 1.10 5.54
C LEU A 54 -12.35 2.38 4.76
N ASP A 55 -11.46 3.35 4.95
CA ASP A 55 -11.49 4.59 4.21
C ASP A 55 -10.09 4.66 3.63
N ILE A 56 -9.99 4.35 2.34
CA ILE A 56 -8.72 4.18 1.65
C ILE A 56 -8.42 5.37 0.78
N LEU A 57 -7.26 6.00 0.99
CA LEU A 57 -6.85 7.12 0.18
C LEU A 57 -5.87 6.62 -0.87
N ASP A 58 -6.27 6.75 -2.14
CA ASP A 58 -5.47 6.40 -3.30
C ASP A 58 -4.72 7.68 -3.72
N THR A 59 -3.41 7.72 -3.47
CA THR A 59 -2.61 8.92 -3.71
C THR A 59 -1.93 8.97 -5.10
N ALA A 60 -1.40 10.16 -5.46
CA ALA A 60 -0.66 10.38 -6.69
C ALA A 60 0.78 9.88 -6.53
N GLY A 61 1.36 9.36 -7.61
CA GLY A 61 2.76 8.98 -7.61
C GLY A 61 3.67 10.17 -7.87
N GLN A 62 3.09 11.30 -8.36
CA GLN A 62 3.73 12.59 -8.70
C GLN A 62 5.05 12.43 -9.45
N ALA A 67 5.73 17.90 -1.54
CA ALA A 67 5.46 18.76 -0.38
C ALA A 67 4.05 18.55 0.19
N MET A 68 3.03 18.42 -0.68
CA MET A 68 1.64 18.26 -0.25
C MET A 68 1.27 16.85 0.23
N ARG A 69 2.25 16.01 0.61
CA ARG A 69 1.95 14.67 1.11
C ARG A 69 1.78 14.65 2.66
N ASP A 70 2.29 15.67 3.37
CA ASP A 70 2.26 15.73 4.84
C ASP A 70 0.87 15.64 5.47
N GLN A 71 -0.18 16.20 4.83
CA GLN A 71 -1.51 16.24 5.44
C GLN A 71 -2.10 14.84 5.56
N TYR A 72 -2.07 14.03 4.49
CA TYR A 72 -2.61 12.66 4.57
C TYR A 72 -1.73 11.73 5.40
N MET A 73 -0.43 12.04 5.57
CA MET A 73 0.44 11.22 6.40
C MET A 73 0.10 11.43 7.87
N ARG A 74 -0.30 12.64 8.27
CA ARG A 74 -0.69 12.91 9.65
C ARG A 74 -1.99 12.15 9.97
N THR A 75 -2.99 12.20 9.07
CA THR A 75 -4.28 11.54 9.29
C THR A 75 -4.23 10.03 9.14
N GLY A 76 -3.50 9.54 8.15
CA GLY A 76 -3.40 8.12 7.87
C GLY A 76 -2.98 7.28 9.06
N GLU A 77 -3.68 6.19 9.30
CA GLU A 77 -3.37 5.29 10.41
C GLU A 77 -2.43 4.15 10.01
N GLY A 78 -2.51 3.72 8.76
CA GLY A 78 -1.65 2.69 8.21
C GLY A 78 -1.35 2.99 6.76
N PHE A 79 -0.17 2.55 6.29
CA PHE A 79 0.31 2.85 4.95
C PHE A 79 0.66 1.59 4.16
N LEU A 80 0.11 1.47 2.96
CA LEU A 80 0.41 0.37 2.04
C LEU A 80 1.49 0.99 1.14
N CYS A 81 2.76 0.64 1.39
CA CYS A 81 3.90 1.19 0.64
C CYS A 81 4.18 0.30 -0.54
N VAL A 82 3.68 0.74 -1.69
CA VAL A 82 3.71 -0.05 -2.90
C VAL A 82 4.86 0.32 -3.82
N PHE A 83 5.51 -0.72 -4.35
CA PHE A 83 6.48 -0.58 -5.41
C PHE A 83 6.10 -1.65 -6.44
N ALA A 84 6.63 -1.57 -7.66
CA ALA A 84 6.38 -2.59 -8.68
C ALA A 84 7.68 -3.42 -8.80
N ILE A 85 7.55 -4.75 -8.90
CA ILE A 85 8.72 -5.63 -8.91
C ILE A 85 9.58 -5.51 -10.20
N ASN A 86 9.10 -4.78 -11.23
CA ASN A 86 9.85 -4.45 -12.45
C ASN A 86 10.16 -2.93 -12.47
N ASN A 87 10.30 -2.29 -11.31
CA ASN A 87 10.56 -0.86 -11.23
C ASN A 87 11.49 -0.63 -10.01
N THR A 88 12.79 -0.71 -10.27
CA THR A 88 13.83 -0.61 -9.25
C THR A 88 13.75 0.71 -8.53
N LYS A 89 13.56 1.81 -9.27
CA LYS A 89 13.47 3.13 -8.63
C LYS A 89 12.29 3.18 -7.68
N SER A 90 11.14 2.59 -8.03
CA SER A 90 9.98 2.60 -7.13
C SER A 90 10.27 1.87 -5.82
N PHE A 91 11.04 0.78 -5.90
CA PHE A 91 11.45 0.05 -4.70
C PHE A 91 12.41 0.94 -3.86
N GLU A 92 13.36 1.59 -4.53
CA GLU A 92 14.32 2.46 -3.84
C GLU A 92 13.61 3.66 -3.18
N ASP A 93 12.57 4.20 -3.86
CA ASP A 93 11.77 5.33 -3.37
C ASP A 93 11.09 5.01 -2.02
N ILE A 94 10.87 3.72 -1.70
CA ILE A 94 10.22 3.34 -0.44
C ILE A 94 10.95 3.92 0.77
N HIS A 95 12.29 3.98 0.72
CA HIS A 95 13.09 4.54 1.81
C HIS A 95 12.66 5.99 2.10
N GLN A 96 12.46 6.79 1.05
CA GLN A 96 12.02 8.18 1.18
C GLN A 96 10.59 8.28 1.72
N TYR A 97 9.65 7.43 1.28
CA TYR A 97 8.27 7.43 1.80
C TYR A 97 8.28 7.10 3.28
N ARG A 98 9.01 6.04 3.71
CA ARG A 98 9.07 5.70 5.12
C ARG A 98 9.66 6.85 5.94
N GLU A 99 10.77 7.46 5.46
CA GLU A 99 11.38 8.57 6.20
C GLU A 99 10.40 9.73 6.36
N GLN A 100 9.62 10.06 5.30
CA GLN A 100 8.65 11.14 5.40
C GLN A 100 7.52 10.78 6.37
N ILE A 101 6.99 9.54 6.30
CA ILE A 101 5.92 9.11 7.20
C ILE A 101 6.41 9.16 8.66
N LYS A 102 7.60 8.62 8.91
CA LYS A 102 8.24 8.59 10.23
C LYS A 102 8.42 10.01 10.79
N ARG A 103 8.81 10.97 9.94
CA ARG A 103 9.01 12.36 10.35
C ARG A 103 7.66 13.03 10.69
N VAL A 104 6.65 12.90 9.82
CA VAL A 104 5.33 13.50 10.03
C VAL A 104 4.65 12.90 11.27
N LYS A 105 4.74 11.58 11.46
CA LYS A 105 4.15 10.92 12.62
C LYS A 105 5.02 11.04 13.89
N ASP A 106 6.30 11.43 13.76
CA ASP A 106 7.25 11.54 14.86
C ASP A 106 7.36 10.18 15.59
N SER A 107 7.42 9.09 14.81
CA SER A 107 7.45 7.75 15.39
C SER A 107 8.13 6.76 14.45
N ASP A 108 8.89 5.83 15.04
CA ASP A 108 9.58 4.76 14.33
C ASP A 108 8.67 3.50 14.17
N ASP A 109 7.52 3.45 14.85
CA ASP A 109 6.59 2.34 14.87
C ASP A 109 5.25 2.80 14.31
N VAL A 110 5.15 2.89 12.98
CA VAL A 110 3.93 3.34 12.29
C VAL A 110 3.39 2.11 11.53
N PRO A 111 2.09 1.75 11.66
CA PRO A 111 1.59 0.60 10.89
C PRO A 111 1.80 0.73 9.37
N MET A 112 2.52 -0.23 8.74
CA MET A 112 2.79 -0.24 7.30
C MET A 112 2.97 -1.67 6.82
N VAL A 113 2.71 -1.87 5.53
CA VAL A 113 2.97 -3.15 4.86
C VAL A 113 3.70 -2.78 3.57
N LEU A 114 4.79 -3.50 3.27
CA LEU A 114 5.54 -3.27 2.03
C LEU A 114 4.88 -4.18 0.99
N VAL A 115 4.48 -3.62 -0.16
CA VAL A 115 3.80 -4.40 -1.20
C VAL A 115 4.61 -4.37 -2.50
N GLY A 116 4.96 -5.54 -3.01
CA GLY A 116 5.62 -5.69 -4.31
C GLY A 116 4.55 -6.05 -5.32
N ASN A 117 4.07 -5.04 -6.07
CA ASN A 117 2.98 -5.25 -7.02
C ASN A 117 3.48 -5.66 -8.42
N LYS A 118 2.55 -6.12 -9.27
CA LYS A 118 2.78 -6.60 -10.63
C LYS A 118 3.52 -7.93 -10.60
N CYS A 119 3.22 -8.80 -9.60
CA CYS A 119 3.89 -10.11 -9.50
C CYS A 119 3.49 -11.09 -10.62
N ASP A 120 2.51 -10.73 -11.46
CA ASP A 120 2.16 -11.48 -12.65
C ASP A 120 3.22 -11.28 -13.76
N LEU A 121 4.06 -10.23 -13.71
CA LEU A 121 5.03 -9.97 -14.77
C LEU A 121 6.32 -10.78 -14.63
N ALA A 122 6.91 -11.14 -15.77
CA ALA A 122 8.19 -11.86 -15.85
C ALA A 122 9.38 -10.84 -15.76
N ALA A 123 10.63 -11.32 -15.70
CA ALA A 123 11.84 -10.50 -15.70
C ALA A 123 11.84 -9.41 -14.62
N ARG A 124 11.56 -9.79 -13.38
CA ARG A 124 11.55 -8.83 -12.28
C ARG A 124 12.94 -8.23 -12.06
N THR A 125 13.00 -6.95 -11.73
CA THR A 125 14.26 -6.28 -11.47
C THR A 125 14.49 -6.10 -9.94
N VAL A 126 13.46 -6.32 -9.09
CA VAL A 126 13.60 -6.28 -7.66
C VAL A 126 13.32 -7.70 -7.19
N GLU A 127 14.27 -8.33 -6.50
CA GLU A 127 14.06 -9.69 -5.99
C GLU A 127 13.24 -9.67 -4.72
N SER A 128 12.48 -10.73 -4.47
CA SER A 128 11.69 -10.86 -3.26
C SER A 128 12.58 -10.75 -2.01
N ARG A 129 13.81 -11.32 -2.07
CA ARG A 129 14.79 -11.25 -0.98
C ARG A 129 15.18 -9.80 -0.67
N GLN A 130 15.37 -8.96 -1.70
CA GLN A 130 15.69 -7.54 -1.48
C GLN A 130 14.55 -6.86 -0.72
N ALA A 131 13.30 -7.09 -1.13
CA ALA A 131 12.15 -6.48 -0.44
C ALA A 131 11.94 -7.08 0.95
N GLN A 132 12.20 -8.37 1.14
CA GLN A 132 12.11 -8.99 2.47
C GLN A 132 13.13 -8.34 3.41
N ASP A 133 14.34 -8.07 2.93
CA ASP A 133 15.39 -7.43 3.73
C ASP A 133 15.00 -6.00 4.09
N LEU A 134 14.37 -5.26 3.15
CA LEU A 134 13.96 -3.90 3.44
C LEU A 134 12.86 -3.93 4.51
N ALA A 135 11.85 -4.81 4.33
CA ALA A 135 10.74 -4.93 5.28
C ALA A 135 11.26 -5.37 6.66
N ARG A 136 12.25 -6.26 6.71
CA ARG A 136 12.86 -6.69 7.97
C ARG A 136 13.52 -5.49 8.67
N SER A 137 14.26 -4.65 7.92
CA SER A 137 14.92 -3.48 8.53
C SER A 137 13.90 -2.49 9.11
N TYR A 138 12.66 -2.47 8.59
CA TYR A 138 11.60 -1.62 9.09
C TYR A 138 10.70 -2.31 10.15
N GLY A 139 10.79 -3.63 10.30
CA GLY A 139 9.97 -4.39 11.23
C GLY A 139 8.53 -4.53 10.73
N ILE A 140 8.34 -4.56 9.39
CA ILE A 140 6.97 -4.64 8.82
C ILE A 140 6.83 -5.86 7.91
N PRO A 141 5.59 -6.28 7.59
CA PRO A 141 5.44 -7.41 6.65
C PRO A 141 5.70 -7.00 5.20
N TYR A 142 6.08 -7.99 4.37
CA TYR A 142 6.25 -7.84 2.93
C TYR A 142 5.27 -8.81 2.27
N ILE A 143 4.47 -8.34 1.32
CA ILE A 143 3.50 -9.17 0.60
C ILE A 143 3.58 -8.82 -0.90
N GLU A 144 3.62 -9.83 -1.78
CA GLU A 144 3.59 -9.57 -3.23
C GLU A 144 2.16 -9.66 -3.72
N THR A 145 1.84 -8.81 -4.68
CA THR A 145 0.49 -8.73 -5.21
C THR A 145 0.48 -8.60 -6.73
N SER A 146 -0.69 -8.84 -7.31
CA SER A 146 -0.97 -8.54 -8.69
C SER A 146 -2.36 -7.97 -8.70
N ALA A 147 -2.50 -6.67 -8.98
CA ALA A 147 -3.82 -6.08 -9.18
C ALA A 147 -4.49 -6.72 -10.43
N LYS A 148 -3.71 -7.20 -11.42
CA LYS A 148 -4.24 -7.82 -12.62
C LYS A 148 -4.93 -9.16 -12.35
N THR A 149 -4.27 -10.08 -11.62
CA THR A 149 -4.88 -11.38 -11.31
C THR A 149 -5.61 -11.41 -9.96
N ARG A 150 -5.46 -10.36 -9.12
CA ARG A 150 -6.03 -10.28 -7.78
C ARG A 150 -5.19 -11.01 -6.72
N GLN A 151 -4.08 -11.70 -7.11
CA GLN A 151 -3.23 -12.39 -6.14
C GLN A 151 -2.72 -11.44 -5.05
N GLY A 152 -2.87 -11.86 -3.79
CA GLY A 152 -2.41 -11.11 -2.64
C GLY A 152 -3.09 -9.79 -2.32
N VAL A 153 -4.06 -9.35 -3.14
CA VAL A 153 -4.66 -8.02 -2.94
C VAL A 153 -5.39 -7.91 -1.59
N GLU A 154 -6.34 -8.82 -1.31
CA GLU A 154 -7.03 -8.82 -0.01
C GLU A 154 -6.04 -9.05 1.11
N ASP A 155 -5.04 -9.92 0.91
CA ASP A 155 -4.03 -10.20 1.93
C ASP A 155 -3.26 -8.94 2.30
N ALA A 156 -2.84 -8.15 1.31
CA ALA A 156 -2.09 -6.93 1.57
C ALA A 156 -2.91 -5.91 2.41
N PHE A 157 -4.15 -5.60 1.97
CA PHE A 157 -4.96 -4.62 2.68
C PHE A 157 -5.40 -5.10 4.05
N TYR A 158 -5.82 -6.37 4.17
CA TYR A 158 -6.32 -6.88 5.46
C TYR A 158 -5.14 -7.12 6.43
N THR A 159 -3.93 -7.41 5.92
CA THR A 159 -2.74 -7.47 6.77
C THR A 159 -2.46 -6.05 7.30
N LEU A 160 -2.61 -5.01 6.47
CA LEU A 160 -2.42 -3.64 6.95
C LEU A 160 -3.47 -3.28 8.01
N VAL A 161 -4.76 -3.66 7.80
CA VAL A 161 -5.82 -3.38 8.80
C VAL A 161 -5.43 -4.00 10.14
N ARG A 162 -4.96 -5.26 10.09
CA ARG A 162 -4.51 -5.98 11.27
C ARG A 162 -3.32 -5.26 11.92
N GLU A 163 -2.32 -4.81 11.13
CA GLU A 163 -1.18 -4.05 11.67
C GLU A 163 -1.65 -2.82 12.45
N ILE A 164 -2.67 -2.09 11.96
CA ILE A 164 -3.22 -0.90 12.63
C ILE A 164 -3.97 -1.30 13.90
N ARG A 165 -4.84 -2.31 13.78
CA ARG A 165 -5.67 -2.79 14.89
C ARG A 165 -4.78 -3.22 16.06
N GLN A 166 -3.64 -3.86 15.77
CA GLN A 166 -2.70 -4.35 16.79
C GLN A 166 -1.58 -3.35 17.22
N HIS A 167 -1.58 -2.12 16.68
CA HIS A 167 -0.55 -1.11 16.98
C HIS A 167 -0.51 -0.78 18.48
MG MG B . -3.25 5.99 -9.46
MG MG C . 21.71 -5.59 -5.19
PG GCP D . -0.40 7.14 -10.57
O1G GCP D . 0.83 7.12 -9.69
O2G GCP D . -0.28 8.13 -11.69
O3G GCP D . -1.68 7.32 -9.79
C3B GCP D . -0.49 5.51 -11.31
PB GCP D . -0.77 4.15 -10.15
O1B GCP D . 0.37 3.90 -9.21
O2B GCP D . -2.12 4.38 -9.52
O3A GCP D . -0.88 2.90 -11.11
PA GCP D . -2.13 2.39 -11.95
O1A GCP D . -3.00 1.59 -11.04
O2A GCP D . -2.73 3.53 -12.69
O5' GCP D . -1.39 1.40 -12.97
C5' GCP D . -0.44 1.90 -13.93
C4' GCP D . -0.36 0.91 -15.06
O4' GCP D . 0.09 -0.36 -14.52
C3' GCP D . -1.69 0.59 -15.76
O3' GCP D . -1.51 0.35 -17.14
C2' GCP D . -2.19 -0.65 -15.02
O2' GCP D . -3.07 -1.44 -15.78
C1' GCP D . -0.86 -1.37 -14.77
N9 GCP D . -0.88 -2.27 -13.63
C8 GCP D . -1.29 -1.99 -12.35
N7 GCP D . -1.20 -3.02 -11.54
C5 GCP D . -0.71 -4.04 -12.34
C6 GCP D . -0.41 -5.39 -12.01
O6 GCP D . -0.53 -5.96 -10.91
N1 GCP D . 0.07 -6.11 -13.11
C2 GCP D . 0.24 -5.58 -14.37
N2 GCP D . 0.73 -6.40 -15.31
N3 GCP D . -0.03 -4.31 -14.68
C4 GCP D . -0.51 -3.60 -13.63
H3B1 GCP D . 0.33 5.33 -11.81
H3B2 GCP D . -1.21 5.51 -11.97
H5'2 GCP D . 0.45 2.00 -13.50
H5'1 GCP D . -0.73 2.78 -14.27
H4' GCP D . 0.30 1.23 -15.70
H3' GCP D . -2.32 1.35 -15.63
HO3' GCP D . -2.21 0.57 -17.56
H2' GCP D . -2.61 -0.39 -14.15
HO2' GCP D . -3.86 -1.20 -15.62
H1' GCP D . -0.60 -1.86 -15.59
H8 GCP D . -1.60 -1.15 -12.09
HN1 GCP D . 0.28 -6.97 -12.97
HN21 GCP D . 0.92 -7.24 -15.11
HN22 GCP D . 0.85 -6.10 -16.13
C4 EZZ E . -7.18 13.53 2.10
C5 EZZ E . -7.54 13.50 3.45
C6 EZZ E . -6.73 14.09 4.39
C7 EZZ E . -8.75 12.90 4.13
C15 EZZ E . -7.82 10.47 4.39
C17 EZZ E . -7.58 8.03 4.37
C20 EZZ E . -11.21 11.13 2.94
C24 EZZ E . -12.47 11.53 4.96
C1 EZZ E . -5.54 14.71 4.03
C11 EZZ E . -8.85 11.40 3.97
C12 EZZ E . -9.88 10.66 3.46
C14 EZZ E . -8.32 9.17 4.10
C16 EZZ E . -6.57 10.58 4.97
C18 EZZ E . -6.33 8.17 4.94
C19 EZZ E . -5.82 9.43 5.23
C2 EZZ E . -5.17 14.75 2.70
C23 EZZ E . -13.58 10.67 3.02
C3 EZZ E . -5.98 14.15 1.74
C9 EZZ E . -7.36 13.93 5.71
N13 EZZ E . -9.57 9.33 3.52
N21 EZZ E . -12.34 10.68 3.78
N8 EZZ E . -8.50 13.26 5.51
O10 EZZ E . -6.95 14.36 6.79
O22 EZZ E . -5.62 14.23 0.45
H1 EZZ E . -7.81 13.06 1.35
H2 EZZ E . -9.65 13.40 3.79
H3 EZZ E . -7.98 7.04 4.13
H4 EZZ E . -11.33 10.67 1.97
H5 EZZ E . -11.22 12.19 2.73
H6 EZZ E . -13.30 11.18 5.58
H7 EZZ E . -12.73 12.55 4.66
H8 EZZ E . -11.61 11.61 5.61
H9 EZZ E . -4.93 15.20 4.79
H10 EZZ E . -6.16 11.56 5.20
H11 EZZ E . -5.73 7.29 5.14
H12 EZZ E . -4.83 9.53 5.67
H13 EZZ E . -4.25 15.25 2.41
H14 EZZ E . -14.50 10.62 3.60
H15 EZZ E . -13.59 9.82 2.34
H16 EZZ E . -13.66 11.56 2.39
H17 EZZ E . -10.17 8.56 3.22
H19 EZZ E . -9.14 12.98 6.25
H20 EZZ E . -6.42 14.40 -0.11
#